data_5NMU
#
_entry.id   5NMU
#
_cell.length_a   81.607
_cell.length_b   124.021
_cell.length_c   118.447
_cell.angle_alpha   90.00
_cell.angle_beta   90.00
_cell.angle_gamma   90.00
#
_symmetry.space_group_name_H-M   'C 2 2 21'
#
loop_
_entity.id
_entity.type
_entity.pdbx_description
1 polymer CBS-CP12
2 non-polymer 'CHLORIDE ION'
3 water water
#
_entity_poly.entity_id   1
_entity_poly.type   'polypeptide(L)'
_entity_poly.pdbx_seq_one_letter_code
;GPMVLQAQEIMTQNVVTIRGSATVADAVKLMKEKKLRGLIVEPRHEQDPYGIVTETDIVYKVAAFGHDPKTMRVYEIMAK
PCVVVNPELGVEYVARLFAQTRIRRAPVIQGKTLLGIISVSDILFKSDFVEKPKRLFIEDEIEAAREDARAICAAKGETS
PDCAAAWDVVEELQAEASHQRAKKQGSNSFQAYCEANPDALECRIYDD
;
_entity_poly.pdbx_strand_id   A,B,C
#
loop_
_chem_comp.id
_chem_comp.type
_chem_comp.name
_chem_comp.formula
CL non-polymer 'CHLORIDE ION' 'Cl -1'
#
# COMPACT_ATOMS: atom_id res chain seq x y z
N MET A 3 22.76 14.16 -16.94
CA MET A 3 21.96 14.51 -15.73
C MET A 3 20.45 14.31 -15.91
N VAL A 4 19.87 13.44 -15.07
CA VAL A 4 18.46 13.03 -15.14
C VAL A 4 17.51 14.24 -14.91
N LEU A 5 16.53 14.40 -15.80
CA LEU A 5 15.53 15.46 -15.62
C LEU A 5 14.71 15.23 -14.32
N GLN A 6 14.51 16.31 -13.56
CA GLN A 6 13.88 16.25 -12.25
C GLN A 6 12.48 16.83 -12.24
N ALA A 7 11.67 16.39 -11.26
CA ALA A 7 10.32 16.94 -11.02
C ALA A 7 10.33 18.45 -10.95
N GLN A 8 11.25 19.04 -10.18
CA GLN A 8 11.26 20.50 -10.08
C GLN A 8 11.50 21.21 -11.41
N GLU A 9 12.16 20.56 -12.34
CA GLU A 9 12.40 21.17 -13.65
C GLU A 9 11.17 21.23 -14.51
N ILE A 10 10.22 20.32 -14.33
CA ILE A 10 9.02 20.31 -15.18
C ILE A 10 7.73 20.69 -14.46
N MET A 11 7.77 20.89 -13.17
CA MET A 11 6.60 21.23 -12.42
C MET A 11 6.03 22.57 -12.82
N THR A 12 4.73 22.77 -12.59
CA THR A 12 4.19 24.11 -12.64
C THR A 12 4.67 24.85 -11.38
N GLN A 13 5.42 25.93 -11.59
CA GLN A 13 6.11 26.65 -10.52
C GLN A 13 5.11 27.51 -9.73
N ASN A 14 4.19 28.17 -10.47
CA ASN A 14 3.17 28.98 -9.86
C ASN A 14 2.25 28.04 -9.18
N VAL A 15 2.30 27.98 -7.87
CA VAL A 15 1.43 27.09 -7.14
C VAL A 15 0.58 27.99 -6.24
N VAL A 16 -0.69 27.60 -6.08
CA VAL A 16 -1.71 28.34 -5.35
C VAL A 16 -2.21 27.40 -4.29
N THR A 17 -2.45 27.94 -3.09
CA THR A 17 -3.01 27.15 -2.00
C THR A 17 -4.42 27.66 -1.64
N ILE A 18 -5.14 26.87 -0.84
CA ILE A 18 -6.45 27.28 -0.28
C ILE A 18 -6.60 26.63 1.09
N ARG A 19 -7.42 27.22 1.94
CA ARG A 19 -7.63 26.61 3.24
C ARG A 19 -8.67 25.50 3.12
N GLY A 20 -8.53 24.48 3.95
CA GLY A 20 -9.48 23.41 4.07
C GLY A 20 -10.89 23.85 4.42
N SER A 21 -10.99 24.97 5.15
CA SER A 21 -12.25 25.54 5.57
C SER A 21 -12.97 26.31 4.48
N ALA A 22 -12.33 26.54 3.33
CA ALA A 22 -12.95 27.33 2.28
C ALA A 22 -14.04 26.50 1.62
N THR A 23 -14.94 27.19 0.94
CA THR A 23 -16.08 26.52 0.29
C THR A 23 -15.56 25.96 -1.02
N VAL A 24 -16.22 24.91 -1.51
CA VAL A 24 -15.89 24.35 -2.81
C VAL A 24 -16.08 25.44 -3.90
N ALA A 25 -17.10 26.28 -3.74
CA ALA A 25 -17.28 27.43 -4.63
C ALA A 25 -16.06 28.35 -4.70
N ASP A 26 -15.45 28.63 -3.55
CA ASP A 26 -14.21 29.44 -3.51
C ASP A 26 -13.13 28.75 -4.29
N ALA A 27 -12.99 27.44 -4.09
CA ALA A 27 -11.97 26.68 -4.80
C ALA A 27 -12.21 26.78 -6.29
N VAL A 28 -13.49 26.68 -6.70
CA VAL A 28 -13.83 26.66 -8.10
C VAL A 28 -13.50 27.98 -8.75
N LYS A 29 -13.82 29.08 -8.07
CA LYS A 29 -13.57 30.38 -8.59
C LYS A 29 -12.07 30.63 -8.78
N LEU A 30 -11.30 30.25 -7.79
CA LEU A 30 -9.86 30.32 -7.86
C LEU A 30 -9.35 29.49 -9.04
N MET A 31 -9.89 28.29 -9.20
CA MET A 31 -9.42 27.41 -10.26
C MET A 31 -9.75 27.92 -11.64
N LYS A 32 -10.94 28.48 -11.82
CA LYS A 32 -11.29 29.08 -13.10
C LYS A 32 -10.47 30.33 -13.45
N GLU A 33 -10.30 31.19 -12.50
CA GLU A 33 -9.53 32.41 -12.66
C GLU A 33 -8.09 32.15 -13.14
N LYS A 34 -7.44 31.13 -12.61
CA LYS A 34 -6.09 30.81 -13.05
C LYS A 34 -5.96 29.52 -13.89
N LYS A 35 -7.05 28.90 -14.32
CA LYS A 35 -6.98 27.64 -15.09
C LYS A 35 -6.15 26.55 -14.38
N LEU A 36 -6.51 26.29 -13.13
CA LEU A 36 -5.82 25.32 -12.27
C LEU A 36 -6.63 24.07 -12.17
N ARG A 37 -5.97 22.94 -12.29
CA ARG A 37 -6.61 21.67 -12.16
C ARG A 37 -6.40 21.00 -10.79
N GLY A 38 -5.58 21.65 -9.94
CA GLY A 38 -5.37 21.23 -8.57
C GLY A 38 -5.01 22.41 -7.70
N LEU A 39 -5.52 22.45 -6.48
CA LEU A 39 -5.12 23.42 -5.48
C LEU A 39 -4.56 22.66 -4.29
N ILE A 40 -3.46 23.20 -3.76
CA ILE A 40 -2.85 22.60 -2.59
C ILE A 40 -3.51 23.19 -1.35
N VAL A 41 -3.81 22.34 -0.39
CA VAL A 41 -4.45 22.77 0.84
C VAL A 41 -3.37 23.12 1.90
N GLU A 42 -3.54 24.30 2.47
CA GLU A 42 -2.54 24.95 3.29
C GLU A 42 -2.41 24.26 4.65
N PRO A 43 -1.20 23.79 5.04
CA PRO A 43 -0.99 23.25 6.38
C PRO A 43 -1.39 24.27 7.42
N ARG A 44 -2.03 23.84 8.48
CA ARG A 44 -2.49 24.79 9.50
C ARG A 44 -1.36 25.19 10.47
N HIS A 45 -0.33 24.36 10.58
CA HIS A 45 0.84 24.60 11.41
C HIS A 45 1.95 23.72 10.83
N GLU A 46 3.15 23.86 11.36
CA GLU A 46 4.36 23.22 10.81
C GLU A 46 4.31 21.69 10.71
N GLN A 47 3.69 21.02 11.67
CA GLN A 47 3.51 19.56 11.66
C GLN A 47 2.28 19.04 10.87
N ASP A 48 1.48 19.94 10.30
CA ASP A 48 0.23 19.57 9.62
C ASP A 48 0.53 19.20 8.16
N PRO A 49 0.05 18.04 7.71
CA PRO A 49 0.40 17.66 6.32
C PRO A 49 -0.22 18.56 5.26
N TYR A 50 0.37 18.55 4.07
CA TYR A 50 -0.23 19.13 2.90
C TYR A 50 -1.44 18.31 2.45
N GLY A 51 -2.34 18.97 1.76
CA GLY A 51 -3.48 18.30 1.16
C GLY A 51 -3.63 18.80 -0.24
N ILE A 52 -4.51 18.19 -1.00
CA ILE A 52 -4.77 18.56 -2.37
C ILE A 52 -6.26 18.33 -2.67
N VAL A 53 -6.82 19.24 -3.46
CA VAL A 53 -8.14 19.10 -4.05
C VAL A 53 -7.99 19.34 -5.56
N THR A 54 -8.57 18.42 -6.34
CA THR A 54 -8.39 18.37 -7.79
C THR A 54 -9.67 18.56 -8.51
N GLU A 55 -9.54 18.87 -9.81
CA GLU A 55 -10.71 18.90 -10.71
C GLU A 55 -11.61 17.66 -10.62
N THR A 56 -10.99 16.50 -10.50
CA THR A 56 -11.66 15.22 -10.46
C THR A 56 -12.39 15.09 -9.13
N ASP A 57 -11.83 15.59 -8.02
CA ASP A 57 -12.58 15.57 -6.76
C ASP A 57 -13.87 16.38 -6.91
N ILE A 58 -13.72 17.58 -7.49
CA ILE A 58 -14.81 18.49 -7.63
C ILE A 58 -15.92 17.93 -8.55
N VAL A 59 -15.55 17.45 -9.72
CA VAL A 59 -16.51 16.88 -10.64
C VAL A 59 -17.15 15.58 -10.13
N TYR A 60 -16.33 14.66 -9.58
CA TYR A 60 -16.88 13.38 -9.09
C TYR A 60 -17.69 13.52 -7.82
N LYS A 61 -17.26 14.35 -6.88
CA LYS A 61 -17.86 14.35 -5.54
C LYS A 61 -18.90 15.44 -5.33
N VAL A 62 -18.87 16.48 -6.17
CA VAL A 62 -19.73 17.62 -5.99
C VAL A 62 -20.68 17.62 -7.19
N ALA A 63 -20.17 17.92 -8.40
CA ALA A 63 -21.05 18.04 -9.59
C ALA A 63 -21.86 16.78 -9.89
N ALA A 64 -21.20 15.62 -9.86
CA ALA A 64 -21.86 14.36 -10.17
C ALA A 64 -23.01 13.98 -9.27
N PHE A 65 -23.07 14.53 -8.05
CA PHE A 65 -24.19 14.26 -7.11
C PHE A 65 -25.07 15.46 -6.90
N GLY A 66 -24.95 16.44 -7.77
CA GLY A 66 -25.63 17.69 -7.61
C GLY A 66 -25.55 18.39 -6.28
N HIS A 67 -24.49 18.18 -5.51
CA HIS A 67 -24.32 18.93 -4.27
C HIS A 67 -24.05 20.39 -4.57
N ASP A 68 -24.30 21.24 -3.59
CA ASP A 68 -24.11 22.67 -3.70
C ASP A 68 -22.71 23.13 -3.27
N PRO A 69 -21.86 23.55 -4.24
CA PRO A 69 -20.54 23.95 -3.86
C PRO A 69 -20.45 25.17 -2.93
N LYS A 70 -21.53 25.95 -2.84
CA LYS A 70 -21.51 27.18 -2.04
C LYS A 70 -21.61 26.86 -0.56
N THR A 71 -22.10 25.67 -0.21
CA THR A 71 -22.18 25.24 1.18
C THR A 71 -21.17 24.17 1.49
N MET A 72 -20.91 23.23 0.58
CA MET A 72 -19.81 22.24 0.80
C MET A 72 -18.40 22.87 1.01
N ARG A 73 -17.59 22.24 1.88
CA ARG A 73 -16.25 22.75 2.17
C ARG A 73 -15.17 21.86 1.56
N VAL A 74 -13.99 22.42 1.36
CA VAL A 74 -12.88 21.72 0.75
C VAL A 74 -12.49 20.51 1.57
N TYR A 75 -12.50 20.65 2.89
CA TYR A 75 -12.15 19.51 3.73
C TYR A 75 -13.00 18.27 3.48
N GLU A 76 -14.24 18.46 3.01
CA GLU A 76 -15.09 17.31 2.74
C GLU A 76 -14.67 16.55 1.49
N ILE A 77 -13.93 17.16 0.55
CA ILE A 77 -13.55 16.49 -0.70
C ILE A 77 -12.04 16.26 -0.90
N MET A 78 -11.20 17.00 -0.17
CA MET A 78 -9.77 16.96 -0.35
C MET A 78 -9.17 15.62 0.02
N ALA A 79 -7.92 15.46 -0.39
CA ALA A 79 -7.07 14.38 0.06
C ALA A 79 -6.04 14.94 1.00
N LYS A 80 -6.07 14.55 2.26
CA LYS A 80 -5.17 15.12 3.23
C LYS A 80 -4.97 14.07 4.26
N PRO A 81 -3.74 13.66 4.54
CA PRO A 81 -2.55 13.97 3.73
C PRO A 81 -2.64 13.43 2.30
N CYS A 82 -1.82 13.98 1.42
CA CYS A 82 -1.79 13.57 0.04
C CYS A 82 -0.42 13.03 -0.31
N VAL A 83 -0.31 12.32 -1.43
CA VAL A 83 0.96 11.89 -1.98
C VAL A 83 1.67 13.13 -2.41
N VAL A 84 2.96 13.20 -2.10
CA VAL A 84 3.81 14.34 -2.40
C VAL A 84 5.04 13.86 -3.22
N VAL A 85 5.63 14.81 -3.94
CA VAL A 85 6.76 14.57 -4.84
C VAL A 85 7.95 15.45 -4.36
N ASN A 86 9.11 14.79 -4.11
CA ASN A 86 10.44 15.42 -3.81
C ASN A 86 10.87 16.16 -5.08
N PRO A 87 11.38 17.42 -4.97
CA PRO A 87 11.79 18.18 -6.17
C PRO A 87 12.82 17.49 -7.04
N GLU A 88 13.73 16.69 -6.44
CA GLU A 88 14.79 15.95 -7.15
C GLU A 88 14.37 14.65 -7.83
N LEU A 89 13.14 14.22 -7.59
CA LEU A 89 12.68 12.94 -8.11
C LEU A 89 12.68 12.97 -9.62
N GLY A 90 13.40 12.02 -10.20
CA GLY A 90 13.47 11.88 -11.63
C GLY A 90 12.06 11.68 -12.23
N VAL A 91 11.87 12.27 -13.38
CA VAL A 91 10.58 12.27 -14.04
C VAL A 91 10.04 10.87 -14.38
N GLU A 92 10.87 9.88 -14.66
CA GLU A 92 10.37 8.50 -14.86
C GLU A 92 9.74 7.99 -13.53
N TYR A 93 10.34 8.39 -12.40
CA TYR A 93 9.76 7.97 -11.12
C TYR A 93 8.49 8.69 -10.76
N VAL A 94 8.35 9.96 -11.12
CA VAL A 94 7.13 10.67 -10.81
C VAL A 94 5.98 9.96 -11.59
N ALA A 95 6.27 9.55 -12.83
CA ALA A 95 5.29 8.84 -13.70
C ALA A 95 4.87 7.57 -13.01
N ARG A 96 5.85 6.85 -12.47
CA ARG A 96 5.58 5.55 -11.85
C ARG A 96 4.82 5.70 -10.56
N LEU A 97 5.20 6.67 -9.71
CA LEU A 97 4.42 6.99 -8.52
C LEU A 97 2.93 7.22 -8.85
N PHE A 98 2.70 8.06 -9.85
CA PHE A 98 1.35 8.46 -10.23
C PHE A 98 0.57 7.23 -10.70
N ALA A 99 1.21 6.38 -11.51
CA ALA A 99 0.58 5.13 -11.99
C ALA A 99 0.23 4.20 -10.84
N GLN A 100 1.13 4.06 -9.87
CA GLN A 100 0.96 3.13 -8.78
C GLN A 100 -0.04 3.59 -7.73
N THR A 101 -0.09 4.88 -7.46
CA THR A 101 -1.06 5.42 -6.54
C THR A 101 -2.36 5.88 -7.26
N ARG A 102 -2.41 5.86 -8.59
CA ARG A 102 -3.58 6.24 -9.38
C ARG A 102 -3.95 7.67 -9.09
N ILE A 103 -2.99 8.60 -9.12
CA ILE A 103 -3.28 10.02 -9.07
C ILE A 103 -2.75 10.64 -10.33
N ARG A 104 -3.14 11.88 -10.58
CA ARG A 104 -2.72 12.61 -11.79
C ARG A 104 -1.94 13.86 -11.44
N ARG A 105 -1.72 14.11 -10.16
CA ARG A 105 -1.36 15.47 -9.69
C ARG A 105 -0.84 15.42 -8.24
N ALA A 106 0.23 16.14 -7.90
CA ALA A 106 0.77 16.15 -6.51
C ALA A 106 1.53 17.43 -6.21
N PRO A 107 1.47 17.90 -4.96
CA PRO A 107 2.38 19.04 -4.64
C PRO A 107 3.82 18.55 -4.73
N VAL A 108 4.69 19.42 -5.19
CA VAL A 108 6.12 19.30 -5.04
C VAL A 108 6.58 19.96 -3.74
N ILE A 109 7.10 19.13 -2.84
CA ILE A 109 7.47 19.48 -1.50
C ILE A 109 8.94 19.11 -1.16
N GLN A 110 9.66 20.08 -0.59
CA GLN A 110 11.04 19.89 -0.07
C GLN A 110 10.94 20.13 1.42
N GLY A 111 11.07 19.07 2.21
CA GLY A 111 10.85 19.09 3.66
C GLY A 111 9.40 19.44 3.96
N LYS A 112 9.15 20.57 4.64
CA LYS A 112 7.83 21.15 4.86
C LYS A 112 7.47 22.27 3.86
N THR A 113 8.35 22.56 2.89
CA THR A 113 8.23 23.72 2.01
C THR A 113 7.64 23.37 0.65
N LEU A 114 6.55 24.04 0.30
CA LEU A 114 5.83 23.83 -0.95
C LEU A 114 6.61 24.54 -2.03
N LEU A 115 6.90 23.86 -3.13
CA LEU A 115 7.66 24.47 -4.26
C LEU A 115 6.86 24.63 -5.54
N GLY A 116 5.84 23.81 -5.72
CA GLY A 116 5.16 23.72 -7.00
C GLY A 116 4.14 22.61 -6.95
N ILE A 117 3.57 22.32 -8.11
CA ILE A 117 2.60 21.27 -8.30
C ILE A 117 2.97 20.56 -9.60
N ILE A 118 2.93 19.25 -9.59
CA ILE A 118 3.32 18.46 -10.76
C ILE A 118 2.16 17.50 -11.14
N SER A 119 1.87 17.43 -12.44
CA SER A 119 0.74 16.64 -12.96
C SER A 119 1.16 15.79 -14.15
N VAL A 120 0.25 14.91 -14.50
CA VAL A 120 0.38 14.12 -15.70
C VAL A 120 0.59 14.96 -16.94
N SER A 121 -0.06 16.13 -17.01
CA SER A 121 0.11 17.09 -18.10
C SER A 121 1.58 17.65 -18.14
N ASP A 122 2.12 18.02 -16.97
CA ASP A 122 3.51 18.46 -16.88
C ASP A 122 4.42 17.40 -17.42
N ILE A 123 4.14 16.14 -17.15
CA ILE A 123 4.93 15.09 -17.68
C ILE A 123 4.76 14.98 -19.21
N LEU A 124 3.52 14.95 -19.67
CA LEU A 124 3.26 14.76 -21.08
C LEU A 124 3.93 15.86 -21.90
N PHE A 125 3.78 17.10 -21.44
CA PHE A 125 4.26 18.23 -22.19
C PHE A 125 5.74 18.57 -22.00
N LYS A 126 6.36 18.19 -20.90
CA LYS A 126 7.72 18.68 -20.64
C LYS A 126 8.73 17.62 -20.25
N SER A 127 8.33 16.36 -20.10
CA SER A 127 9.31 15.33 -19.81
C SER A 127 10.03 14.97 -21.11
N ASP A 128 11.22 14.44 -20.94
CA ASP A 128 12.08 13.94 -22.02
C ASP A 128 11.89 12.43 -22.30
N PHE A 129 10.75 11.89 -21.88
CA PHE A 129 10.45 10.45 -21.99
C PHE A 129 10.43 9.95 -23.45
N VAL A 130 10.19 10.84 -24.42
CA VAL A 130 10.24 10.39 -25.83
C VAL A 130 11.71 10.19 -26.28
N GLU A 131 12.52 11.20 -26.02
CA GLU A 131 13.93 11.15 -26.46
C GLU A 131 14.76 10.25 -25.54
N LYS A 132 14.50 10.27 -24.24
CA LYS A 132 15.29 9.48 -23.27
C LYS A 132 14.42 8.55 -22.41
N PRO A 133 13.92 7.46 -23.01
CA PRO A 133 13.12 6.55 -22.18
C PRO A 133 14.03 5.82 -21.17
N LYS A 134 13.66 5.82 -19.89
CA LYS A 134 14.50 5.20 -18.85
C LYS A 134 13.84 3.91 -18.40
N ARG A 135 14.46 2.80 -18.77
CA ARG A 135 14.05 1.46 -18.32
C ARG A 135 14.14 1.40 -16.78
N LEU A 136 12.99 1.21 -16.14
CA LEU A 136 12.92 1.33 -14.68
C LEU A 136 13.76 0.24 -14.00
N PHE A 137 14.45 0.67 -12.96
CA PHE A 137 15.29 -0.19 -12.13
C PHE A 137 16.38 -0.91 -12.91
N ILE A 138 16.86 -0.30 -14.01
CA ILE A 138 17.82 -0.97 -14.88
C ILE A 138 19.13 -1.25 -14.16
N GLU A 139 19.49 -0.43 -13.18
CA GLU A 139 20.69 -0.71 -12.36
C GLU A 139 20.54 -1.94 -11.46
N ASP A 140 19.33 -2.20 -10.95
CA ASP A 140 19.07 -3.42 -10.19
C ASP A 140 19.17 -4.62 -11.14
N GLU A 141 18.68 -4.49 -12.37
CA GLU A 141 18.76 -5.57 -13.36
C GLU A 141 20.20 -5.94 -13.73
N ILE A 142 21.03 -4.92 -13.93
CA ILE A 142 22.45 -5.05 -14.21
C ILE A 142 23.13 -5.76 -13.02
N GLU A 143 22.89 -5.25 -11.82
CA GLU A 143 23.51 -5.82 -10.65
C GLU A 143 23.06 -7.30 -10.54
N ALA A 144 21.77 -7.58 -10.68
CA ALA A 144 21.32 -8.98 -10.64
C ALA A 144 21.95 -9.88 -11.73
N ALA A 145 22.06 -9.31 -12.91
CA ALA A 145 22.55 -10.07 -14.02
C ALA A 145 24.08 -10.38 -13.88
N ARG A 146 24.80 -9.47 -13.24
CA ARG A 146 26.20 -9.68 -12.91
C ARG A 146 26.40 -10.79 -11.87
N GLU A 147 25.57 -10.80 -10.82
CA GLU A 147 25.56 -11.94 -9.89
C GLU A 147 25.23 -13.23 -10.59
N ASP A 148 24.25 -13.26 -11.49
CA ASP A 148 23.94 -14.49 -12.25
C ASP A 148 25.14 -14.92 -13.06
N ALA A 149 25.82 -13.96 -13.69
CA ALA A 149 26.91 -14.31 -14.57
C ALA A 149 28.05 -14.90 -13.76
N ARG A 150 28.37 -14.26 -12.64
CA ARG A 150 29.41 -14.78 -11.76
C ARG A 150 29.13 -16.17 -11.27
N ALA A 151 27.88 -16.41 -10.86
CA ALA A 151 27.53 -17.73 -10.30
C ALA A 151 27.69 -18.80 -11.40
N ILE A 152 27.09 -18.52 -12.57
CA ILE A 152 27.13 -19.43 -13.72
C ILE A 152 28.57 -19.71 -14.15
N CYS A 153 29.38 -18.67 -14.25
CA CYS A 153 30.78 -18.80 -14.69
C CYS A 153 31.64 -19.62 -13.72
N ALA A 154 31.44 -19.40 -12.42
CA ALA A 154 32.12 -20.17 -11.38
C ALA A 154 31.66 -21.65 -11.33
N ALA A 155 30.36 -21.88 -11.53
CA ALA A 155 29.84 -23.26 -11.57
C ALA A 155 30.30 -23.99 -12.83
N LYS A 156 30.01 -23.44 -14.00
CA LYS A 156 30.25 -24.11 -15.27
C LYS A 156 31.58 -23.83 -15.97
N GLY A 157 32.42 -22.91 -15.48
CA GLY A 157 33.70 -22.59 -16.13
C GLY A 157 33.67 -21.20 -16.81
N GLU A 158 34.76 -20.46 -16.63
CA GLU A 158 34.85 -19.11 -17.11
C GLU A 158 34.93 -19.00 -18.65
N THR A 159 35.12 -20.12 -19.34
CA THR A 159 35.23 -20.14 -20.80
C THR A 159 34.12 -20.98 -21.43
N SER A 160 33.09 -21.31 -20.66
CA SER A 160 31.92 -22.02 -21.18
C SER A 160 31.00 -21.08 -21.97
N PRO A 161 30.22 -21.64 -22.96
CA PRO A 161 29.24 -20.85 -23.70
C PRO A 161 28.13 -20.20 -22.80
N ASP A 162 27.65 -20.92 -21.78
CA ASP A 162 26.66 -20.34 -20.87
C ASP A 162 27.26 -19.21 -20.07
N CYS A 163 28.56 -19.29 -19.73
CA CYS A 163 29.24 -18.17 -19.07
C CYS A 163 29.19 -16.94 -19.97
N ALA A 164 29.51 -17.13 -21.24
CA ALA A 164 29.57 -16.04 -22.20
C ALA A 164 28.19 -15.43 -22.43
N ALA A 165 27.19 -16.29 -22.53
CA ALA A 165 25.78 -15.85 -22.70
C ALA A 165 25.32 -15.04 -21.49
N ALA A 166 25.68 -15.44 -20.27
CA ALA A 166 25.30 -14.65 -19.11
C ALA A 166 25.96 -13.28 -19.02
N TRP A 167 27.26 -13.17 -19.35
CA TRP A 167 27.84 -11.83 -19.47
C TRP A 167 27.26 -11.02 -20.64
N ASP A 168 26.81 -11.68 -21.70
CA ASP A 168 26.13 -10.93 -22.77
C ASP A 168 24.80 -10.27 -22.31
N VAL A 169 24.07 -10.91 -21.41
CA VAL A 169 22.90 -10.25 -20.75
C VAL A 169 23.39 -8.97 -20.04
N VAL A 170 24.50 -9.03 -19.30
CA VAL A 170 25.01 -7.82 -18.63
C VAL A 170 25.39 -6.71 -19.62
N GLU A 171 26.13 -7.11 -20.63
CA GLU A 171 26.62 -6.20 -21.66
C GLU A 171 25.44 -5.42 -22.30
N GLU A 172 24.42 -6.14 -22.77
CA GLU A 172 23.25 -5.53 -23.39
C GLU A 172 22.58 -4.55 -22.46
N LEU A 173 22.35 -4.96 -21.20
CA LEU A 173 21.75 -4.06 -20.21
C LEU A 173 22.66 -2.83 -20.00
N GLN A 174 23.99 -3.02 -19.97
CA GLN A 174 24.92 -1.89 -19.78
C GLN A 174 24.95 -0.91 -20.97
N ALA A 175 24.82 -1.41 -22.20
CA ALA A 175 24.79 -0.57 -23.42
C ALA A 175 23.61 0.37 -23.40
N GLU A 176 22.47 -0.19 -23.02
CA GLU A 176 21.22 0.52 -22.92
C GLU A 176 21.32 1.67 -21.88
N ALA A 177 21.78 1.36 -20.66
CA ALA A 177 21.91 2.37 -19.58
C ALA A 177 22.79 3.56 -19.89
N SER A 178 23.93 3.36 -20.55
CA SER A 178 24.82 4.47 -20.91
C SER A 178 24.40 5.18 -22.23
N HIS A 179 23.48 4.57 -22.98
CA HIS A 179 22.76 5.20 -24.10
C HIS A 179 21.65 6.13 -23.55
N VAL B 4 0.03 15.73 20.56
CA VAL B 4 -0.33 14.87 19.37
C VAL B 4 0.69 13.76 19.16
N LEU B 5 0.22 12.51 19.24
CA LEU B 5 1.07 11.38 19.01
C LEU B 5 1.56 11.39 17.57
N GLN B 6 2.88 11.20 17.41
CA GLN B 6 3.56 11.24 16.11
C GLN B 6 3.94 9.85 15.63
N ALA B 7 4.06 9.73 14.32
CA ALA B 7 4.50 8.53 13.64
C ALA B 7 5.75 7.98 14.30
N GLN B 8 6.74 8.84 14.54
CA GLN B 8 8.01 8.38 15.09
C GLN B 8 7.91 7.79 16.49
N GLU B 9 6.89 8.18 17.24
CA GLU B 9 6.68 7.66 18.59
C GLU B 9 6.07 6.27 18.61
N ILE B 10 5.43 5.84 17.51
CA ILE B 10 4.88 4.49 17.40
C ILE B 10 5.52 3.58 16.34
N MET B 11 6.44 4.11 15.53
CA MET B 11 7.04 3.31 14.46
C MET B 11 7.89 2.18 15.03
N THR B 12 8.13 1.17 14.20
CA THR B 12 9.13 0.19 14.54
C THR B 12 10.48 0.81 14.15
N GLN B 13 11.40 0.82 15.12
CA GLN B 13 12.63 1.60 15.04
C GLN B 13 13.70 0.86 14.27
N ASN B 14 13.66 -0.46 14.40
CA ASN B 14 14.69 -1.32 13.84
C ASN B 14 14.27 -1.53 12.41
N VAL B 15 15.08 -1.05 11.48
CA VAL B 15 14.72 -1.13 10.09
C VAL B 15 15.83 -1.69 9.25
N VAL B 16 15.46 -2.80 8.60
CA VAL B 16 16.33 -3.54 7.73
C VAL B 16 16.11 -3.08 6.30
N THR B 17 17.22 -2.83 5.59
CA THR B 17 17.17 -2.52 4.18
C THR B 17 17.61 -3.70 3.31
N ILE B 18 17.19 -3.67 2.05
CA ILE B 18 17.65 -4.67 1.07
C ILE B 18 17.80 -3.96 -0.30
N ARG B 19 18.68 -4.48 -1.15
CA ARG B 19 18.83 -3.91 -2.49
C ARG B 19 17.84 -4.52 -3.44
N GLY B 20 17.43 -3.73 -4.46
CA GLY B 20 16.40 -4.15 -5.43
C GLY B 20 16.90 -5.30 -6.27
N SER B 21 18.23 -5.38 -6.43
CA SER B 21 18.90 -6.50 -7.06
C SER B 21 18.86 -7.85 -6.32
N ALA B 22 18.57 -7.83 -5.03
CA ALA B 22 18.50 -9.10 -4.24
C ALA B 22 17.35 -10.00 -4.73
N THR B 23 17.51 -11.30 -4.56
CA THR B 23 16.48 -12.26 -4.87
C THR B 23 15.38 -12.14 -3.84
N VAL B 24 14.19 -12.54 -4.25
CA VAL B 24 13.05 -12.56 -3.37
C VAL B 24 13.38 -13.52 -2.25
N ALA B 25 14.06 -14.62 -2.56
CA ALA B 25 14.53 -15.57 -1.52
C ALA B 25 15.42 -14.93 -0.47
N ASP B 26 16.35 -14.09 -0.90
CA ASP B 26 17.14 -13.28 0.04
C ASP B 26 16.22 -12.38 0.90
N ALA B 27 15.27 -11.68 0.27
CA ALA B 27 14.27 -10.92 1.06
C ALA B 27 13.57 -11.77 2.12
N VAL B 28 13.05 -12.93 1.71
CA VAL B 28 12.26 -13.80 2.60
C VAL B 28 13.16 -14.25 3.74
N LYS B 29 14.41 -14.57 3.44
CA LYS B 29 15.32 -15.10 4.48
C LYS B 29 15.54 -14.07 5.61
N LEU B 30 15.75 -12.82 5.23
CA LEU B 30 15.94 -11.73 6.19
C LEU B 30 14.63 -11.43 6.97
N MET B 31 13.51 -11.48 6.26
CA MET B 31 12.22 -11.26 6.87
C MET B 31 11.88 -12.35 7.87
N LYS B 32 12.20 -13.62 7.57
CA LYS B 32 12.03 -14.77 8.49
C LYS B 32 12.88 -14.56 9.76
N GLU B 33 14.14 -14.22 9.55
CA GLU B 33 15.16 -14.08 10.60
C GLU B 33 14.75 -13.06 11.64
N LYS B 34 14.15 -11.94 11.23
CA LYS B 34 13.82 -10.86 12.16
C LYS B 34 12.31 -10.64 12.33
N LYS B 35 11.49 -11.50 11.72
CA LYS B 35 10.05 -11.36 11.69
C LYS B 35 9.55 -9.99 11.15
N LEU B 36 10.08 -9.58 10.00
CA LEU B 36 9.76 -8.32 9.37
C LEU B 36 8.74 -8.58 8.27
N ARG B 37 7.63 -7.83 8.32
CA ARG B 37 6.62 -7.83 7.24
C ARG B 37 6.81 -6.79 6.13
N GLY B 38 7.77 -5.89 6.29
CA GLY B 38 8.32 -5.11 5.16
C GLY B 38 9.85 -4.95 5.26
N LEU B 39 10.49 -4.82 4.10
CA LEU B 39 11.86 -4.33 3.99
C LEU B 39 11.87 -3.06 3.15
N ILE B 40 12.68 -2.12 3.59
CA ILE B 40 12.92 -0.88 2.89
C ILE B 40 14.01 -1.09 1.84
N VAL B 41 13.76 -0.57 0.63
CA VAL B 41 14.72 -0.68 -0.43
C VAL B 41 15.50 0.62 -0.44
N GLU B 42 16.82 0.50 -0.39
CA GLU B 42 17.69 1.62 -0.09
C GLU B 42 18.01 2.35 -1.40
N PRO B 43 17.98 3.68 -1.38
CA PRO B 43 18.35 4.48 -2.53
C PRO B 43 19.75 4.19 -3.01
N ARG B 44 19.91 4.02 -4.33
CA ARG B 44 21.22 3.74 -4.95
C ARG B 44 22.11 4.96 -4.97
N HIS B 45 21.51 6.15 -4.92
CA HIS B 45 22.23 7.41 -4.92
C HIS B 45 21.34 8.52 -4.34
N GLU B 46 21.87 9.73 -4.35
CA GLU B 46 21.27 10.85 -3.66
C GLU B 46 19.87 11.30 -4.13
N GLN B 47 19.56 11.18 -5.41
CA GLN B 47 18.25 11.52 -5.99
C GLN B 47 17.29 10.37 -6.11
N ASP B 48 17.72 9.17 -5.69
CA ASP B 48 16.95 7.95 -5.89
C ASP B 48 15.92 7.85 -4.78
N PRO B 49 14.65 7.54 -5.10
CA PRO B 49 13.66 7.41 -4.02
C PRO B 49 13.80 6.14 -3.20
N TYR B 50 13.19 6.16 -2.02
CA TYR B 50 12.97 4.97 -1.22
C TYR B 50 11.96 4.05 -1.84
N GLY B 51 12.09 2.76 -1.59
CA GLY B 51 11.18 1.76 -2.08
C GLY B 51 10.83 0.84 -0.93
N ILE B 52 9.84 -0.02 -1.13
CA ILE B 52 9.47 -0.96 -0.09
C ILE B 52 8.94 -2.26 -0.71
N VAL B 53 9.24 -3.35 -0.01
CA VAL B 53 8.77 -4.66 -0.43
C VAL B 53 8.12 -5.28 0.79
N THR B 54 6.93 -5.82 0.64
CA THR B 54 6.13 -6.25 1.78
C THR B 54 5.76 -7.70 1.67
N GLU B 55 5.19 -8.21 2.75
CA GLU B 55 4.73 -9.59 2.81
C GLU B 55 3.64 -9.87 1.79
N THR B 56 2.76 -8.88 1.57
CA THR B 56 1.71 -9.01 0.56
C THR B 56 2.29 -9.05 -0.86
N ASP B 57 3.28 -8.22 -1.14
CA ASP B 57 3.96 -8.33 -2.43
C ASP B 57 4.48 -9.72 -2.64
N ILE B 58 5.15 -10.27 -1.62
CA ILE B 58 5.76 -11.59 -1.77
C ILE B 58 4.70 -12.67 -1.95
N VAL B 59 3.66 -12.66 -1.13
CA VAL B 59 2.63 -13.71 -1.19
C VAL B 59 1.84 -13.60 -2.48
N TYR B 60 1.38 -12.39 -2.83
CA TYR B 60 0.52 -12.21 -4.01
C TYR B 60 1.30 -12.33 -5.30
N LYS B 61 2.52 -11.79 -5.34
CA LYS B 61 3.19 -11.72 -6.63
C LYS B 61 4.10 -12.91 -6.89
N VAL B 62 4.52 -13.65 -5.85
CA VAL B 62 5.46 -14.77 -6.01
C VAL B 62 4.75 -16.09 -5.66
N ALA B 63 4.33 -16.21 -4.41
CA ALA B 63 3.82 -17.49 -3.90
C ALA B 63 2.53 -17.86 -4.61
N ALA B 64 1.66 -16.87 -4.86
CA ALA B 64 0.37 -17.16 -5.51
C ALA B 64 0.46 -17.64 -6.95
N PHE B 65 1.61 -17.48 -7.62
CA PHE B 65 1.85 -18.09 -8.92
C PHE B 65 2.77 -19.30 -8.85
N GLY B 66 3.28 -19.60 -7.67
CA GLY B 66 4.33 -20.60 -7.55
C GLY B 66 5.59 -20.29 -8.31
N HIS B 67 5.89 -19.00 -8.49
CA HIS B 67 7.17 -18.62 -9.08
C HIS B 67 8.30 -19.01 -8.14
N ASP B 68 9.52 -19.08 -8.69
CA ASP B 68 10.69 -19.39 -7.90
C ASP B 68 11.27 -18.14 -7.26
N PRO B 69 11.22 -18.05 -5.94
CA PRO B 69 11.82 -16.89 -5.29
C PRO B 69 13.35 -16.75 -5.47
N LYS B 70 14.03 -17.88 -5.75
CA LYS B 70 15.48 -17.87 -5.95
C LYS B 70 15.86 -17.18 -7.28
N THR B 71 14.95 -17.11 -8.23
CA THR B 71 15.29 -16.45 -9.49
C THR B 71 14.60 -15.09 -9.65
N MET B 72 13.41 -14.88 -9.07
CA MET B 72 12.80 -13.56 -9.11
C MET B 72 13.59 -12.63 -8.22
N ARG B 73 13.56 -11.36 -8.57
CA ARG B 73 14.28 -10.32 -7.82
C ARG B 73 13.34 -9.32 -7.15
N VAL B 74 13.87 -8.61 -6.16
CA VAL B 74 13.06 -7.69 -5.40
C VAL B 74 12.49 -6.58 -6.29
N TYR B 75 13.28 -6.12 -7.26
CA TYR B 75 12.87 -5.02 -8.10
C TYR B 75 11.61 -5.36 -8.88
N GLU B 76 11.34 -6.64 -9.12
CA GLU B 76 10.17 -7.08 -9.84
C GLU B 76 8.86 -6.94 -9.04
N ILE B 77 8.92 -6.85 -7.71
CA ILE B 77 7.72 -6.81 -6.88
C ILE B 77 7.67 -5.64 -5.92
N MET B 78 8.70 -4.81 -5.84
CA MET B 78 8.70 -3.72 -4.87
C MET B 78 7.84 -2.54 -5.36
N ALA B 79 7.51 -1.66 -4.43
CA ALA B 79 7.00 -0.36 -4.74
C ALA B 79 8.12 0.61 -4.59
N LYS B 80 8.52 1.19 -5.74
CA LYS B 80 9.50 2.22 -5.77
C LYS B 80 9.12 3.20 -6.92
N PRO B 81 8.98 4.50 -6.64
CA PRO B 81 9.05 5.11 -5.31
C PRO B 81 7.88 4.66 -4.43
N CYS B 82 8.05 4.63 -3.11
CA CYS B 82 6.96 4.21 -2.24
C CYS B 82 6.40 5.45 -1.56
N VAL B 83 5.19 5.32 -1.00
CA VAL B 83 4.63 6.33 -0.09
C VAL B 83 5.48 6.33 1.19
N VAL B 84 5.95 7.50 1.59
CA VAL B 84 6.79 7.68 2.76
C VAL B 84 6.01 8.43 3.83
N VAL B 85 6.44 8.27 5.07
CA VAL B 85 5.84 8.99 6.19
C VAL B 85 6.90 9.89 6.89
N ASN B 86 6.52 11.16 7.15
CA ASN B 86 7.28 12.16 7.90
C ASN B 86 7.29 11.73 9.38
N PRO B 87 8.45 11.80 10.08
CA PRO B 87 8.43 11.42 11.49
C PRO B 87 7.39 12.16 12.36
N GLU B 88 7.14 13.43 12.06
CA GLU B 88 6.25 14.23 12.85
C GLU B 88 4.75 14.11 12.54
N LEU B 89 4.35 13.38 11.49
CA LEU B 89 2.93 13.27 11.09
C LEU B 89 2.04 12.64 12.16
N GLY B 90 0.92 13.30 12.50
CA GLY B 90 0.02 12.72 13.49
C GLY B 90 -0.43 11.31 13.13
N VAL B 91 -0.52 10.42 14.13
CA VAL B 91 -0.89 9.03 13.86
C VAL B 91 -2.25 8.93 13.15
N GLU B 92 -3.17 9.83 13.49
CA GLU B 92 -4.48 9.89 12.80
C GLU B 92 -4.36 10.08 11.32
N TYR B 93 -3.42 10.94 10.94
CA TYR B 93 -3.08 11.17 9.56
C TYR B 93 -2.31 10.03 8.93
N VAL B 94 -1.48 9.31 9.69
CA VAL B 94 -0.89 8.10 9.14
C VAL B 94 -2.04 7.13 8.75
N ALA B 95 -3.04 6.97 9.62
CA ALA B 95 -4.12 6.00 9.38
C ALA B 95 -4.83 6.34 8.09
N ARG B 96 -5.03 7.63 7.94
CA ARG B 96 -5.75 8.13 6.85
C ARG B 96 -5.00 8.05 5.53
N LEU B 97 -3.70 8.38 5.52
CA LEU B 97 -2.86 8.16 4.33
C LEU B 97 -2.89 6.72 3.85
N PHE B 98 -2.77 5.81 4.82
CA PHE B 98 -2.80 4.36 4.55
C PHE B 98 -4.17 3.93 3.93
N ALA B 99 -5.29 4.41 4.48
CA ALA B 99 -6.61 4.13 3.92
C ALA B 99 -6.69 4.66 2.50
N GLN B 100 -6.24 5.86 2.30
CA GLN B 100 -6.45 6.53 1.05
C GLN B 100 -5.53 5.97 -0.04
N THR B 101 -4.33 5.52 0.29
CA THR B 101 -3.52 4.91 -0.72
C THR B 101 -3.61 3.38 -0.72
N ARG B 102 -4.36 2.78 0.19
CA ARG B 102 -4.49 1.32 0.30
C ARG B 102 -3.17 0.59 0.56
N ILE B 103 -2.34 1.17 1.41
CA ILE B 103 -1.12 0.49 1.89
C ILE B 103 -1.22 0.21 3.36
N ARG B 104 -0.32 -0.64 3.82
CA ARG B 104 -0.35 -1.10 5.18
C ARG B 104 0.87 -0.76 5.95
N ARG B 105 1.87 -0.21 5.27
CA ARG B 105 3.14 0.04 5.88
C ARG B 105 4.01 0.97 5.01
N ALA B 106 4.91 1.69 5.66
CA ALA B 106 5.74 2.67 4.95
C ALA B 106 6.95 3.03 5.74
N PRO B 107 8.04 3.41 5.06
CA PRO B 107 9.18 3.90 5.79
C PRO B 107 8.87 5.28 6.35
N VAL B 108 9.50 5.57 7.49
CA VAL B 108 9.48 6.88 8.10
C VAL B 108 10.82 7.54 7.68
N ILE B 109 10.73 8.66 6.96
CA ILE B 109 11.88 9.29 6.37
C ILE B 109 11.94 10.71 6.83
N GLN B 110 13.13 11.16 7.18
CA GLN B 110 13.42 12.56 7.42
C GLN B 110 14.59 13.01 6.54
N GLY B 111 14.32 13.92 5.59
CA GLY B 111 15.25 14.30 4.58
C GLY B 111 15.54 13.10 3.70
N LYS B 112 16.74 12.53 3.80
CA LYS B 112 17.17 11.34 3.05
C LYS B 112 17.39 10.15 3.96
N THR B 113 17.00 10.31 5.23
CA THR B 113 17.41 9.40 6.27
C THR B 113 16.24 8.53 6.69
N LEU B 114 16.43 7.23 6.61
CA LEU B 114 15.51 6.23 7.15
C LEU B 114 15.53 6.15 8.68
N LEU B 115 14.39 6.38 9.33
CA LEU B 115 14.31 6.37 10.78
C LEU B 115 13.62 5.12 11.32
N GLY B 116 12.86 4.43 10.47
CA GLY B 116 12.00 3.38 10.95
C GLY B 116 10.99 2.98 9.89
N ILE B 117 10.06 2.15 10.28
CA ILE B 117 8.97 1.71 9.43
C ILE B 117 7.76 1.73 10.29
N ILE B 118 6.63 2.11 9.69
CA ILE B 118 5.37 2.23 10.42
C ILE B 118 4.25 1.48 9.68
N SER B 119 3.45 0.74 10.43
CA SER B 119 2.40 -0.10 9.85
C SER B 119 1.06 0.08 10.50
N VAL B 120 0.02 -0.51 9.86
CA VAL B 120 -1.28 -0.59 10.48
C VAL B 120 -1.21 -1.33 11.85
N SER B 121 -0.36 -2.34 11.97
CA SER B 121 -0.12 -3.00 13.24
C SER B 121 0.37 -2.02 14.32
N ASP B 122 1.39 -1.22 13.99
CA ASP B 122 1.88 -0.16 14.94
C ASP B 122 0.76 0.76 15.37
N ILE B 123 -0.10 1.18 14.45
CA ILE B 123 -1.25 2.02 14.80
C ILE B 123 -2.22 1.25 15.74
N LEU B 124 -2.56 0.02 15.39
CA LEU B 124 -3.51 -0.79 16.20
C LEU B 124 -3.01 -1.01 17.61
N PHE B 125 -1.75 -1.41 17.73
CA PHE B 125 -1.14 -1.70 19.02
C PHE B 125 -0.72 -0.52 19.84
N LYS B 126 -0.26 0.56 19.23
CA LYS B 126 0.37 1.64 19.99
C LYS B 126 -0.31 2.99 19.87
N SER B 127 -1.24 3.17 18.94
CA SER B 127 -1.89 4.48 18.81
C SER B 127 -2.83 4.69 19.97
N ASP B 128 -3.13 5.96 20.22
CA ASP B 128 -4.02 6.37 21.28
C ASP B 128 -5.45 6.61 20.75
N PHE B 129 -5.79 6.01 19.60
CA PHE B 129 -7.09 6.25 18.93
C PHE B 129 -8.33 5.81 19.69
N VAL B 130 -8.17 4.95 20.70
CA VAL B 130 -9.32 4.52 21.52
C VAL B 130 -9.70 5.57 22.57
N GLU B 131 -8.70 6.07 23.28
CA GLU B 131 -8.96 6.97 24.39
C GLU B 131 -8.91 8.42 23.93
N LYS B 132 -8.34 8.71 22.76
CA LYS B 132 -8.36 10.07 22.22
C LYS B 132 -8.84 10.11 20.76
N PRO B 133 -10.09 9.71 20.51
CA PRO B 133 -10.53 9.73 19.12
C PRO B 133 -10.41 11.13 18.52
N LYS B 134 -9.79 11.21 17.35
CA LYS B 134 -9.43 12.48 16.68
C LYS B 134 -10.37 12.75 15.52
N ARG B 135 -11.34 13.62 15.70
CA ARG B 135 -12.17 13.95 14.55
C ARG B 135 -11.32 14.70 13.49
N LEU B 136 -11.16 14.05 12.34
CA LEU B 136 -10.27 14.56 11.30
C LEU B 136 -10.89 15.87 10.78
N PHE B 137 -10.05 16.89 10.63
CA PHE B 137 -10.46 18.18 10.05
C PHE B 137 -11.43 19.01 10.94
N ILE B 138 -11.53 18.66 12.22
CA ILE B 138 -12.38 19.38 13.16
C ILE B 138 -11.99 20.86 13.25
N GLU B 139 -10.69 21.17 13.16
CA GLU B 139 -10.24 22.55 13.07
C GLU B 139 -10.73 23.28 11.82
N ASP B 140 -10.85 22.57 10.70
CA ASP B 140 -11.46 23.20 9.51
C ASP B 140 -12.94 23.47 9.74
N GLU B 141 -13.65 22.55 10.36
CA GLU B 141 -15.07 22.73 10.67
C GLU B 141 -15.30 23.96 11.53
N ILE B 142 -14.41 24.17 12.49
CA ILE B 142 -14.42 25.36 13.34
C ILE B 142 -14.19 26.63 12.58
N GLU B 143 -13.21 26.70 11.69
CA GLU B 143 -13.08 27.94 10.90
C GLU B 143 -14.30 28.19 10.01
N ALA B 144 -14.89 27.13 9.47
CA ALA B 144 -16.03 27.26 8.54
C ALA B 144 -17.28 27.73 9.28
N ALA B 145 -17.48 27.26 10.52
CA ALA B 145 -18.59 27.72 11.38
C ALA B 145 -18.42 29.18 11.82
N ARG B 146 -17.18 29.64 12.02
CA ARG B 146 -16.87 31.06 12.25
C ARG B 146 -17.21 31.95 11.07
N GLU B 147 -16.74 31.56 9.90
CA GLU B 147 -17.09 32.22 8.64
C GLU B 147 -18.63 32.25 8.47
N ASP B 148 -19.30 31.12 8.77
CA ASP B 148 -20.78 31.04 8.79
C ASP B 148 -21.44 32.05 9.73
N ALA B 149 -20.85 32.26 10.91
CA ALA B 149 -21.37 33.21 11.90
C ALA B 149 -21.31 34.64 11.38
N ARG B 150 -20.14 35.06 10.91
CA ARG B 150 -19.93 36.44 10.40
C ARG B 150 -20.89 36.82 9.23
N ALA B 151 -21.17 35.86 8.35
CA ALA B 151 -22.21 36.02 7.30
C ALA B 151 -23.66 36.21 7.85
N ILE B 152 -23.95 35.51 8.96
CA ILE B 152 -25.23 35.64 9.67
C ILE B 152 -25.35 37.00 10.44
N CYS B 153 -24.26 37.50 11.02
CA CYS B 153 -24.29 38.77 11.78
C CYS B 153 -24.37 40.04 10.92
N ALA B 154 -23.69 40.03 9.76
CA ALA B 154 -23.78 41.11 8.77
C ALA B 154 -25.12 41.12 7.99
N ALA B 155 -25.74 39.94 7.81
CA ALA B 155 -27.06 39.79 7.15
C ALA B 155 -28.27 39.97 8.12
N LYS B 156 -28.34 39.19 9.21
CA LYS B 156 -29.40 39.40 10.22
C LYS B 156 -29.16 40.66 11.08
N GLY B 157 -28.00 40.72 11.75
CA GLY B 157 -27.72 41.72 12.80
C GLY B 157 -27.19 41.00 14.02
N GLU B 158 -26.62 41.77 14.96
CA GLU B 158 -25.73 41.23 16.02
C GLU B 158 -26.36 40.35 17.14
N THR B 159 -27.66 40.07 17.05
CA THR B 159 -28.30 38.99 17.82
C THR B 159 -29.34 38.32 16.89
N SER B 160 -29.68 37.06 17.19
CA SER B 160 -30.75 36.31 16.48
C SER B 160 -31.02 34.94 17.15
N CYS B 163 -27.42 35.15 14.41
CA CYS B 163 -26.05 35.57 14.69
C CYS B 163 -25.55 34.97 16.01
N ALA B 164 -26.34 35.06 17.07
CA ALA B 164 -25.96 34.42 18.34
C ALA B 164 -26.17 32.91 18.24
N ALA B 165 -27.21 32.50 17.52
CA ALA B 165 -27.49 31.08 17.26
C ALA B 165 -26.29 30.39 16.58
N ALA B 166 -25.63 31.10 15.66
CA ALA B 166 -24.44 30.61 14.92
C ALA B 166 -23.26 30.41 15.83
N TRP B 167 -22.94 31.46 16.57
CA TRP B 167 -21.79 31.47 17.50
C TRP B 167 -21.82 30.34 18.54
N ASP B 168 -22.98 29.77 18.85
CA ASP B 168 -22.98 28.61 19.75
C ASP B 168 -22.40 27.37 19.09
N VAL B 169 -22.75 27.14 17.83
CA VAL B 169 -22.29 25.92 17.12
C VAL B 169 -20.77 25.77 17.26
N VAL B 170 -20.09 26.89 17.04
CA VAL B 170 -18.65 27.08 17.24
C VAL B 170 -18.15 26.50 18.59
N GLU B 171 -18.72 26.97 19.70
CA GLU B 171 -18.34 26.54 21.06
C GLU B 171 -18.49 25.02 21.26
N GLU B 172 -19.57 24.45 20.70
CA GLU B 172 -19.82 22.98 20.80
C GLU B 172 -18.72 22.16 20.10
N LEU B 173 -18.16 22.71 19.01
CA LEU B 173 -17.00 22.11 18.32
C LEU B 173 -15.68 22.34 19.09
N GLN B 174 -15.42 23.58 19.51
CA GLN B 174 -14.24 23.90 20.35
C GLN B 174 -14.20 23.09 21.65
N ALA B 175 -15.37 22.94 22.29
CA ALA B 175 -15.52 22.06 23.46
C ALA B 175 -15.04 20.65 23.13
N GLU B 176 -15.53 20.15 21.99
CA GLU B 176 -15.16 18.82 21.46
C GLU B 176 -13.67 18.68 21.07
N ALA B 177 -13.05 19.76 20.59
CA ALA B 177 -11.59 19.77 20.39
C ALA B 177 -10.84 19.79 21.73
N SER B 178 -11.06 20.85 22.52
CA SER B 178 -10.47 21.06 23.87
C SER B 178 -8.96 20.81 23.97
N GLY C 1 9.00 -31.58 4.13
CA GLY C 1 8.76 -32.98 3.68
C GLY C 1 8.26 -32.94 2.22
N PRO C 2 8.29 -34.10 1.53
CA PRO C 2 7.99 -34.09 0.11
C PRO C 2 6.50 -33.73 -0.24
N MET C 3 5.58 -33.93 0.68
CA MET C 3 4.19 -33.61 0.50
C MET C 3 3.94 -32.11 0.49
N VAL C 4 2.92 -31.72 -0.26
CA VAL C 4 2.46 -30.30 -0.29
C VAL C 4 2.13 -29.82 1.14
N LEU C 5 2.69 -28.70 1.52
CA LEU C 5 2.48 -28.18 2.85
C LEU C 5 1.02 -27.63 2.93
N GLN C 6 0.29 -27.98 3.98
CA GLN C 6 -1.11 -27.58 4.11
C GLN C 6 -1.27 -26.38 5.02
N ALA C 7 -2.39 -25.70 4.87
CA ALA C 7 -2.70 -24.50 5.63
C ALA C 7 -2.66 -24.78 7.11
N GLN C 8 -3.27 -25.89 7.52
CA GLN C 8 -3.26 -26.26 8.94
C GLN C 8 -1.87 -26.43 9.55
N GLU C 9 -0.83 -26.71 8.75
CA GLU C 9 0.55 -26.89 9.26
C GLU C 9 1.30 -25.57 9.54
N ILE C 10 0.84 -24.48 8.92
CA ILE C 10 1.44 -23.18 9.16
C ILE C 10 0.50 -22.15 9.80
N MET C 11 -0.80 -22.45 9.92
CA MET C 11 -1.71 -21.50 10.54
C MET C 11 -1.25 -21.11 11.93
N THR C 12 -1.65 -19.91 12.38
CA THR C 12 -1.51 -19.57 13.80
C THR C 12 -2.62 -20.34 14.53
N GLN C 13 -2.22 -21.19 15.48
CA GLN C 13 -3.11 -22.20 16.06
C GLN C 13 -4.05 -21.65 17.12
N ASN C 14 -3.69 -20.50 17.71
CA ASN C 14 -4.43 -19.92 18.81
C ASN C 14 -5.52 -19.00 18.26
N VAL C 15 -6.76 -19.25 18.69
CA VAL C 15 -7.90 -18.50 18.18
C VAL C 15 -8.93 -18.18 19.25
N VAL C 16 -8.89 -16.93 19.68
CA VAL C 16 -9.97 -16.37 20.48
C VAL C 16 -10.95 -15.72 19.51
N THR C 17 -12.24 -15.85 19.80
CA THR C 17 -13.28 -15.16 19.05
C THR C 17 -13.75 -13.91 19.79
N ILE C 18 -14.58 -13.13 19.13
CA ILE C 18 -15.29 -12.03 19.75
C ILE C 18 -16.67 -12.02 19.12
N ARG C 19 -17.63 -11.44 19.81
CA ARG C 19 -18.98 -11.33 19.28
C ARG C 19 -19.12 -10.09 18.41
N GLY C 20 -19.99 -10.20 17.41
CA GLY C 20 -20.31 -9.08 16.55
C GLY C 20 -20.89 -7.89 17.29
N SER C 21 -21.52 -8.14 18.43
CA SER C 21 -22.13 -7.09 19.25
C SER C 21 -21.16 -6.31 20.14
N ALA C 22 -19.91 -6.75 20.25
CA ALA C 22 -18.93 -6.08 21.09
C ALA C 22 -18.53 -4.77 20.49
N THR C 23 -18.03 -3.90 21.34
CA THR C 23 -17.51 -2.61 20.90
C THR C 23 -16.19 -2.82 20.18
N VAL C 24 -15.86 -1.89 19.27
CA VAL C 24 -14.54 -1.89 18.65
C VAL C 24 -13.44 -1.80 19.73
N ALA C 25 -13.66 -0.97 20.73
CA ALA C 25 -12.74 -0.82 21.86
C ALA C 25 -12.37 -2.18 22.48
N ASP C 26 -13.36 -3.06 22.68
CA ASP C 26 -13.11 -4.40 23.27
C ASP C 26 -12.26 -5.20 22.35
N ALA C 27 -12.58 -5.14 21.06
CA ALA C 27 -11.80 -5.81 20.05
C ALA C 27 -10.33 -5.35 20.09
N VAL C 28 -10.09 -4.03 20.11
CA VAL C 28 -8.71 -3.53 20.14
C VAL C 28 -7.99 -4.02 21.38
N LYS C 29 -8.67 -3.89 22.53
CA LYS C 29 -8.17 -4.37 23.84
C LYS C 29 -7.62 -5.82 23.77
N LEU C 30 -8.46 -6.70 23.26
CA LEU C 30 -8.11 -8.10 23.06
C LEU C 30 -6.96 -8.20 22.05
N MET C 31 -7.05 -7.47 20.95
CA MET C 31 -5.98 -7.53 19.95
C MET C 31 -4.64 -7.10 20.52
N LYS C 32 -4.61 -6.00 21.26
CA LYS C 32 -3.37 -5.55 21.94
C LYS C 32 -2.85 -6.57 22.93
N GLU C 33 -3.76 -7.12 23.72
CA GLU C 33 -3.36 -8.01 24.81
C GLU C 33 -2.56 -9.20 24.26
N LYS C 34 -3.08 -9.83 23.20
CA LYS C 34 -2.53 -11.08 22.65
C LYS C 34 -1.84 -10.86 21.29
N LYS C 35 -1.55 -9.61 20.92
CA LYS C 35 -0.82 -9.31 19.68
C LYS C 35 -1.49 -9.84 18.39
N LEU C 36 -2.80 -9.68 18.28
CA LEU C 36 -3.58 -10.24 17.18
C LEU C 36 -3.85 -9.17 16.15
N ARG C 37 -3.74 -9.54 14.88
CA ARG C 37 -4.07 -8.68 13.76
C ARG C 37 -5.41 -9.02 13.13
N GLY C 38 -5.97 -10.16 13.47
CA GLY C 38 -7.32 -10.51 13.08
C GLY C 38 -8.03 -11.21 14.22
N LEU C 39 -9.33 -10.96 14.38
CA LEU C 39 -10.14 -11.65 15.36
C LEU C 39 -11.30 -12.29 14.65
N ILE C 40 -11.52 -13.54 14.92
CA ILE C 40 -12.66 -14.23 14.33
C ILE C 40 -13.95 -13.87 15.08
N VAL C 41 -15.02 -13.58 14.35
CA VAL C 41 -16.31 -13.30 14.90
C VAL C 41 -17.11 -14.60 14.98
N GLU C 42 -17.67 -14.80 16.15
CA GLU C 42 -18.22 -16.05 16.59
C GLU C 42 -19.60 -16.22 15.96
N PRO C 43 -19.88 -17.34 15.28
CA PRO C 43 -21.25 -17.58 14.82
C PRO C 43 -22.26 -17.52 15.98
N ARG C 44 -23.41 -16.93 15.72
CA ARG C 44 -24.49 -16.87 16.69
C ARG C 44 -25.19 -18.23 16.89
N HIS C 45 -25.03 -19.12 15.93
CA HIS C 45 -25.61 -20.43 15.96
C HIS C 45 -25.06 -21.29 14.83
N GLU C 46 -25.40 -22.57 14.84
CA GLU C 46 -24.83 -23.56 13.91
C GLU C 46 -24.93 -23.14 12.44
N GLN C 47 -26.00 -22.46 12.06
CA GLN C 47 -26.18 -22.05 10.65
C GLN C 47 -25.65 -20.62 10.27
N ASP C 48 -25.04 -19.92 11.23
CA ASP C 48 -24.60 -18.54 11.05
C ASP C 48 -23.16 -18.62 10.60
N PRO C 49 -22.80 -17.83 9.56
CA PRO C 49 -21.43 -17.87 9.07
C PRO C 49 -20.38 -17.33 10.03
N TYR C 50 -19.16 -17.77 9.82
CA TYR C 50 -18.02 -17.13 10.45
C TYR C 50 -17.79 -15.74 9.88
N GLY C 51 -17.26 -14.87 10.74
CA GLY C 51 -16.85 -13.50 10.36
C GLY C 51 -15.43 -13.23 10.82
N ILE C 52 -14.88 -12.12 10.40
CA ILE C 52 -13.52 -11.69 10.81
C ILE C 52 -13.46 -10.16 10.85
N VAL C 53 -12.72 -9.64 11.83
CA VAL C 53 -12.36 -8.22 11.92
C VAL C 53 -10.82 -8.11 12.03
N THR C 54 -10.23 -7.20 11.22
CA THR C 54 -8.77 -7.08 11.11
C THR C 54 -8.25 -5.70 11.50
N GLU C 55 -6.95 -5.68 11.70
CA GLU C 55 -6.23 -4.45 11.95
C GLU C 55 -6.53 -3.42 10.87
N THR C 56 -6.61 -3.84 9.62
CA THR C 56 -6.94 -2.91 8.54
C THR C 56 -8.37 -2.35 8.67
N ASP C 57 -9.35 -3.19 9.00
CA ASP C 57 -10.73 -2.69 9.24
C ASP C 57 -10.70 -1.59 10.28
N ILE C 58 -9.96 -1.80 11.36
CA ILE C 58 -9.99 -0.88 12.48
C ILE C 58 -9.25 0.40 12.11
N VAL C 59 -8.08 0.25 11.55
CA VAL C 59 -7.29 1.42 11.18
C VAL C 59 -7.95 2.23 10.08
N TYR C 60 -8.46 1.58 9.03
CA TYR C 60 -9.05 2.33 7.90
C TYR C 60 -10.46 2.87 8.21
N LYS C 61 -11.29 2.12 8.93
CA LYS C 61 -12.70 2.53 9.12
C LYS C 61 -12.96 3.25 10.43
N VAL C 62 -12.02 3.19 11.38
CA VAL C 62 -12.22 3.80 12.66
C VAL C 62 -11.20 4.89 12.86
N ALA C 63 -9.93 4.54 12.97
CA ALA C 63 -8.87 5.51 13.27
C ALA C 63 -8.76 6.58 12.19
N ALA C 64 -8.75 6.17 10.93
CA ALA C 64 -8.59 7.08 9.82
C ALA C 64 -9.66 8.18 9.77
N PHE C 65 -10.83 7.94 10.34
CA PHE C 65 -11.91 8.93 10.37
C PHE C 65 -12.12 9.53 11.74
N GLY C 66 -11.44 9.04 12.77
CA GLY C 66 -11.57 9.57 14.10
C GLY C 66 -12.81 9.15 14.85
N HIS C 67 -13.43 8.05 14.43
CA HIS C 67 -14.59 7.53 15.12
C HIS C 67 -14.15 7.00 16.50
N ASP C 68 -15.11 6.99 17.43
CA ASP C 68 -14.92 6.57 18.78
C ASP C 68 -15.06 5.06 18.82
N PRO C 69 -13.96 4.33 19.04
CA PRO C 69 -14.07 2.88 19.16
C PRO C 69 -14.97 2.41 20.28
N LYS C 70 -15.10 3.22 21.33
CA LYS C 70 -15.95 2.87 22.46
C LYS C 70 -17.43 2.89 22.12
N THR C 71 -17.82 3.60 21.07
CA THR C 71 -19.23 3.60 20.63
C THR C 71 -19.48 2.68 19.42
N MET C 72 -18.50 2.43 18.57
CA MET C 72 -18.74 1.57 17.40
C MET C 72 -18.74 0.10 17.78
N ARG C 73 -19.52 -0.70 17.05
CA ARG C 73 -19.56 -2.12 17.27
C ARG C 73 -18.90 -2.86 16.13
N VAL C 74 -18.39 -4.05 16.45
CA VAL C 74 -17.67 -4.91 15.54
C VAL C 74 -18.46 -5.15 14.27
N TYR C 75 -19.76 -5.39 14.45
CA TYR C 75 -20.64 -5.63 13.32
C TYR C 75 -20.57 -4.50 12.26
N GLU C 76 -20.21 -3.27 12.66
CA GLU C 76 -20.15 -2.13 11.74
C GLU C 76 -18.93 -2.12 10.83
N ILE C 77 -17.86 -2.86 11.18
CA ILE C 77 -16.66 -2.91 10.38
C ILE C 77 -16.15 -4.30 9.91
N MET C 78 -16.73 -5.36 10.47
CA MET C 78 -16.33 -6.71 10.14
C MET C 78 -16.75 -7.14 8.75
N ALA C 79 -16.13 -8.20 8.26
CA ALA C 79 -16.57 -8.92 7.09
C ALA C 79 -17.26 -10.22 7.57
N LYS C 80 -18.56 -10.34 7.29
CA LYS C 80 -19.31 -11.55 7.58
C LYS C 80 -20.33 -11.70 6.47
N PRO C 81 -20.39 -12.82 5.75
CA PRO C 81 -19.48 -13.98 5.86
C PRO C 81 -18.09 -13.62 5.42
N CYS C 82 -17.07 -14.25 5.99
CA CYS C 82 -15.71 -14.01 5.52
C CYS C 82 -15.25 -15.17 4.66
N VAL C 83 -14.26 -14.94 3.82
CA VAL C 83 -13.53 -16.01 3.12
C VAL C 83 -12.90 -16.92 4.19
N VAL C 84 -13.12 -18.23 4.07
CA VAL C 84 -12.56 -19.23 5.00
C VAL C 84 -11.56 -20.14 4.27
N VAL C 85 -10.71 -20.81 5.03
CA VAL C 85 -9.71 -21.73 4.50
C VAL C 85 -9.91 -23.14 5.05
N ASN C 86 -10.00 -24.12 4.17
CA ASN C 86 -9.99 -25.53 4.57
C ASN C 86 -8.62 -25.86 5.15
N PRO C 87 -8.55 -26.59 6.26
CA PRO C 87 -7.27 -26.98 6.86
C PRO C 87 -6.23 -27.65 5.93
N GLU C 88 -6.70 -28.38 4.93
CA GLU C 88 -5.83 -29.16 4.06
C GLU C 88 -5.47 -28.45 2.74
N LEU C 89 -5.92 -27.21 2.59
CA LEU C 89 -5.65 -26.44 1.38
C LEU C 89 -4.16 -26.20 1.27
N GLY C 90 -3.58 -26.54 0.13
CA GLY C 90 -2.17 -26.30 -0.11
C GLY C 90 -1.83 -24.86 0.16
N VAL C 91 -0.69 -24.64 0.81
CA VAL C 91 -0.26 -23.28 1.15
C VAL C 91 -0.16 -22.35 -0.09
N GLU C 92 0.22 -22.88 -1.26
CA GLU C 92 0.20 -22.07 -2.51
C GLU C 92 -1.21 -21.65 -2.92
N TYR C 93 -2.19 -22.53 -2.77
CA TYR C 93 -3.56 -22.16 -3.04
C TYR C 93 -4.11 -21.13 -2.02
N VAL C 94 -3.68 -21.18 -0.76
CA VAL C 94 -4.07 -20.14 0.20
C VAL C 94 -3.54 -18.79 -0.26
N ALA C 95 -2.31 -18.79 -0.77
CA ALA C 95 -1.67 -17.57 -1.27
C ALA C 95 -2.50 -17.00 -2.39
N ARG C 96 -2.88 -17.87 -3.30
CA ARG C 96 -3.69 -17.49 -4.42
C ARG C 96 -5.09 -17.05 -4.08
N LEU C 97 -5.72 -17.73 -3.15
CA LEU C 97 -7.07 -17.32 -2.71
C LEU C 97 -7.03 -15.89 -2.17
N PHE C 98 -6.04 -15.65 -1.32
CA PHE C 98 -5.79 -14.34 -0.73
C PHE C 98 -5.54 -13.24 -1.77
N ALA C 99 -4.73 -13.50 -2.78
CA ALA C 99 -4.54 -12.50 -3.83
C ALA C 99 -5.83 -12.28 -4.63
N GLN C 100 -6.59 -13.31 -4.93
CA GLN C 100 -7.78 -13.12 -5.76
C GLN C 100 -8.92 -12.48 -5.02
N THR C 101 -9.00 -12.67 -3.71
CA THR C 101 -10.03 -12.03 -2.90
C THR C 101 -9.49 -10.76 -2.20
N ARG C 102 -8.20 -10.46 -2.39
CA ARG C 102 -7.60 -9.26 -1.79
C ARG C 102 -7.76 -9.21 -0.29
N ILE C 103 -7.58 -10.34 0.38
CA ILE C 103 -7.53 -10.39 1.81
C ILE C 103 -6.12 -10.85 2.21
N ARG C 104 -5.84 -10.70 3.50
CA ARG C 104 -4.56 -11.01 4.10
C ARG C 104 -4.65 -12.07 5.22
N ARG C 105 -5.85 -12.37 5.70
CA ARG C 105 -6.03 -13.37 6.71
C ARG C 105 -7.45 -13.98 6.69
N ALA C 106 -7.60 -15.17 7.22
CA ALA C 106 -8.89 -15.87 7.23
C ALA C 106 -8.86 -16.98 8.29
N PRO C 107 -10.03 -17.36 8.82
CA PRO C 107 -10.07 -18.49 9.73
C PRO C 107 -9.89 -19.80 8.96
N VAL C 108 -9.30 -20.78 9.61
CA VAL C 108 -9.18 -22.15 9.15
C VAL C 108 -10.32 -22.93 9.82
N ILE C 109 -11.30 -23.33 9.03
CA ILE C 109 -12.54 -23.93 9.49
C ILE C 109 -12.60 -25.34 8.97
N GLN C 110 -12.86 -26.29 9.87
CA GLN C 110 -13.12 -27.72 9.56
C GLN C 110 -14.60 -28.03 9.77
N GLY C 111 -15.40 -27.91 8.71
CA GLY C 111 -16.85 -28.13 8.80
C GLY C 111 -17.49 -26.92 9.47
N LYS C 112 -17.88 -27.07 10.73
CA LYS C 112 -18.41 -25.96 11.55
C LYS C 112 -17.41 -25.52 12.62
N THR C 113 -16.21 -26.11 12.60
CA THR C 113 -15.27 -26.01 13.69
C THR C 113 -14.11 -25.08 13.30
N LEU C 114 -13.91 -24.07 14.14
CA LEU C 114 -12.78 -23.18 14.04
C LEU C 114 -11.50 -23.82 14.54
N LEU C 115 -10.48 -23.89 13.70
CA LEU C 115 -9.18 -24.48 14.07
C LEU C 115 -7.96 -23.54 14.21
N GLY C 116 -8.07 -22.30 13.77
CA GLY C 116 -6.93 -21.42 13.68
C GLY C 116 -7.18 -20.29 12.70
N ILE C 117 -6.13 -19.54 12.44
CA ILE C 117 -6.20 -18.41 11.55
C ILE C 117 -4.89 -18.42 10.76
N ILE C 118 -5.02 -18.18 9.48
CA ILE C 118 -3.90 -18.17 8.59
C ILE C 118 -3.82 -16.80 7.93
N SER C 119 -2.60 -16.24 7.84
CA SER C 119 -2.37 -14.89 7.30
C SER C 119 -1.27 -14.89 6.26
N VAL C 120 -1.15 -13.78 5.52
CA VAL C 120 0.04 -13.55 4.67
C VAL C 120 1.35 -13.69 5.48
N SER C 121 1.35 -13.32 6.75
CA SER C 121 2.51 -13.47 7.64
C SER C 121 2.89 -14.97 7.84
N ASP C 122 1.92 -15.82 8.13
CA ASP C 122 2.12 -17.25 8.21
C ASP C 122 2.74 -17.80 6.94
N ILE C 123 2.20 -17.40 5.81
CA ILE C 123 2.72 -17.85 4.52
C ILE C 123 4.18 -17.40 4.35
N LEU C 124 4.46 -16.11 4.55
CA LEU C 124 5.80 -15.58 4.37
C LEU C 124 6.80 -16.28 5.28
N PHE C 125 6.46 -16.43 6.57
CA PHE C 125 7.39 -16.98 7.58
C PHE C 125 7.50 -18.52 7.60
N LYS C 126 6.46 -19.22 7.15
CA LYS C 126 6.41 -20.70 7.30
C LYS C 126 6.18 -21.49 6.00
N SER C 127 6.07 -20.82 4.85
CA SER C 127 5.85 -21.58 3.62
C SER C 127 7.15 -22.13 3.14
N ASP C 128 7.08 -23.22 2.39
CA ASP C 128 8.25 -23.83 1.79
C ASP C 128 8.50 -23.39 0.33
N PHE C 129 7.79 -22.35 -0.14
CA PHE C 129 7.95 -21.84 -1.52
C PHE C 129 9.36 -21.49 -1.99
N VAL C 130 10.30 -21.28 -1.07
CA VAL C 130 11.64 -20.99 -1.47
C VAL C 130 12.42 -22.27 -1.85
N GLU C 131 12.27 -23.33 -1.05
CA GLU C 131 12.98 -24.60 -1.35
C GLU C 131 12.19 -25.47 -2.34
N LYS C 132 10.88 -25.38 -2.30
CA LYS C 132 10.03 -26.14 -3.18
C LYS C 132 9.10 -25.29 -4.05
N PRO C 133 9.63 -24.35 -4.86
CA PRO C 133 8.69 -23.65 -5.75
C PRO C 133 7.98 -24.64 -6.71
N LYS C 134 6.73 -24.35 -7.00
CA LYS C 134 5.93 -25.18 -7.90
C LYS C 134 4.85 -24.35 -8.58
N ARG C 135 5.03 -24.12 -9.88
CA ARG C 135 4.11 -23.34 -10.66
C ARG C 135 2.64 -23.84 -10.51
N LEU C 136 1.73 -22.94 -10.14
CA LEU C 136 0.31 -23.25 -10.08
C LEU C 136 -0.25 -23.77 -11.42
N PHE C 137 -1.03 -24.82 -11.31
CA PHE C 137 -1.64 -25.51 -12.46
C PHE C 137 -0.63 -26.20 -13.43
N ILE C 138 0.60 -26.48 -12.98
CA ILE C 138 1.54 -27.29 -13.80
C ILE C 138 0.93 -28.66 -14.16
N GLU C 139 0.22 -29.25 -13.21
CA GLU C 139 -0.42 -30.55 -13.37
C GLU C 139 -1.43 -30.54 -14.48
N ASP C 140 -2.10 -29.40 -14.66
CA ASP C 140 -3.08 -29.25 -15.73
C ASP C 140 -2.37 -29.03 -17.08
N GLU C 141 -1.21 -28.35 -17.07
CA GLU C 141 -0.41 -28.11 -18.28
C GLU C 141 -0.02 -29.43 -18.92
N ILE C 142 0.41 -30.34 -18.04
CA ILE C 142 0.74 -31.71 -18.35
C ILE C 142 -0.46 -32.43 -18.97
N GLU C 143 -1.52 -32.64 -18.19
CA GLU C 143 -2.76 -33.27 -18.71
C GLU C 143 -3.08 -32.80 -20.12
N ALA C 144 -3.01 -31.49 -20.35
CA ALA C 144 -3.31 -30.91 -21.67
C ALA C 144 -2.33 -31.39 -22.74
N ALA C 145 -1.05 -31.37 -22.40
CA ALA C 145 0.00 -31.78 -23.35
C ALA C 145 -0.05 -33.31 -23.58
N ARG C 146 -0.05 -34.10 -22.49
CA ARG C 146 -0.25 -35.56 -22.57
C ARG C 146 -1.69 -35.87 -23.01
N GLU C 147 -1.95 -35.64 -24.30
CA GLU C 147 -3.29 -35.54 -24.90
C GLU C 147 -3.21 -34.78 -26.24
N ASP C 148 -2.45 -33.69 -26.25
CA ASP C 148 -1.93 -33.13 -27.51
C ASP C 148 -0.94 -34.13 -28.10
N ALA C 149 -0.07 -34.65 -27.23
CA ALA C 149 0.87 -35.73 -27.57
C ALA C 149 0.20 -37.03 -28.04
N ARG C 150 -1.01 -37.33 -27.54
CA ARG C 150 -1.86 -38.38 -28.15
C ARG C 150 -2.26 -38.04 -29.59
N ALA C 151 -2.79 -36.85 -29.82
CA ALA C 151 -3.26 -36.44 -31.16
C ALA C 151 -2.14 -36.12 -32.18
N ILE C 152 -0.96 -35.71 -31.72
CA ILE C 152 0.20 -35.51 -32.62
C ILE C 152 0.85 -36.86 -33.00
N CYS C 153 0.99 -37.78 -32.05
CA CYS C 153 1.44 -39.15 -32.37
C CYS C 153 0.30 -40.05 -32.91
N ALA C 154 -0.95 -39.57 -32.94
CA ALA C 154 -2.04 -40.19 -33.71
C ALA C 154 -2.03 -39.79 -35.19
N ALA C 155 -1.94 -38.48 -35.48
CA ALA C 155 -1.94 -37.96 -36.87
C ALA C 155 -0.57 -38.07 -37.60
N LYS C 156 0.50 -37.56 -36.97
CA LYS C 156 1.84 -37.50 -37.58
C LYS C 156 2.75 -38.68 -37.17
N GLY C 157 2.17 -39.88 -37.03
CA GLY C 157 2.91 -41.11 -36.79
C GLY C 157 3.42 -41.29 -35.37
N GLU C 158 3.38 -42.53 -34.87
CA GLU C 158 3.92 -42.85 -33.53
C GLU C 158 5.44 -42.64 -33.41
N THR C 159 6.15 -42.59 -34.54
CA THR C 159 7.58 -42.25 -34.59
C THR C 159 7.95 -40.75 -34.42
N SER C 160 6.97 -39.84 -34.54
CA SER C 160 7.19 -38.38 -34.29
C SER C 160 5.94 -37.65 -33.74
N ALA C 166 7.72 -34.30 -29.53
CA ALA C 166 7.00 -33.43 -28.61
C ALA C 166 6.80 -34.02 -27.20
N TRP C 167 6.63 -35.34 -27.10
CA TRP C 167 6.38 -36.06 -25.82
C TRP C 167 7.30 -35.80 -24.59
N ASP C 168 8.56 -35.39 -24.79
CA ASP C 168 9.48 -35.13 -23.65
C ASP C 168 8.98 -33.94 -22.77
N VAL C 169 8.13 -33.09 -23.36
CA VAL C 169 7.34 -32.07 -22.61
C VAL C 169 6.62 -32.68 -21.38
N VAL C 170 5.84 -33.75 -21.58
CA VAL C 170 5.19 -34.47 -20.44
C VAL C 170 6.22 -35.06 -19.43
N GLU C 171 7.38 -35.47 -19.96
CA GLU C 171 8.54 -35.86 -19.14
C GLU C 171 9.25 -34.74 -18.34
N GLU C 172 9.54 -33.59 -18.96
CA GLU C 172 10.34 -32.53 -18.32
C GLU C 172 9.51 -31.80 -17.26
N LEU C 173 8.33 -31.37 -17.71
CA LEU C 173 7.29 -30.82 -16.84
C LEU C 173 7.04 -31.71 -15.61
N GLN C 174 7.12 -33.04 -15.78
CA GLN C 174 6.93 -33.99 -14.67
C GLN C 174 7.98 -33.87 -13.54
N ALA C 175 9.27 -33.76 -13.89
CA ALA C 175 10.37 -33.59 -12.90
C ALA C 175 10.29 -32.23 -12.20
N GLU C 176 9.78 -31.24 -12.94
CA GLU C 176 9.42 -29.92 -12.43
C GLU C 176 8.07 -29.97 -11.73
CL CL D . -7.10 14.97 -10.95
CL CL E . -2.11 20.28 -15.17
CL CL F . 1.63 -5.31 3.40
CL CL G . -5.73 -7.33 7.40
#